data_5DOR
#
_entry.id   5DOR
#
_cell.length_a   64.110
_cell.length_b   92.225
_cell.length_c   64.937
_cell.angle_alpha   90.00
_cell.angle_beta   96.34
_cell.angle_gamma   90.00
#
_symmetry.space_group_name_H-M   'P 1 21 1'
#
loop_
_entity.id
_entity.type
_entity.pdbx_description
1 polymer Integrase
2 non-polymer 'PHOSPHATE ION'
3 non-polymer 'ZINC ION'
4 water water
#
_entity_poly.entity_id   1
_entity_poly.type   'polypeptide(L)'
_entity_poly.pdbx_seq_one_letter_code
;TGYLTQEEIALLLAALDGDNKKIAILCLSTGARWGEAARLKAENIIHNRVTFVKTKTNKPRTVPISEAVAKMIADNKRGF
LFPDADYPRFRRTMKAIKPDLPMGQATHALRHSFATHFMINGGSIITLQRILGHTRIEQTMVYAHFAPEYLQDAISLNPL
RGGTEAESVHTVSTVE
;
_entity_poly.pdbx_strand_id   A,B,C,D
#
loop_
_chem_comp.id
_chem_comp.type
_chem_comp.name
_chem_comp.formula
PO4 non-polymer 'PHOSPHATE ION' 'O4 P -3'
ZN non-polymer 'ZINC ION' 'Zn 2'
#
# COMPACT_ATOMS: atom_id res chain seq x y z
N THR A 1 28.29 -3.23 25.62
CA THR A 1 27.05 -2.63 25.03
C THR A 1 27.33 -1.69 23.83
N GLY A 2 28.54 -1.76 23.26
CA GLY A 2 28.88 -1.16 21.97
C GLY A 2 28.41 -2.02 20.81
N TYR A 3 28.32 -1.41 19.64
CA TYR A 3 27.72 -2.05 18.48
C TYR A 3 28.39 -1.60 17.21
N LEU A 4 28.11 -2.28 16.10
CA LEU A 4 28.74 -1.93 14.83
C LEU A 4 27.86 -1.02 14.00
N THR A 5 28.43 0.02 13.44
CA THR A 5 27.74 0.83 12.46
C THR A 5 27.50 0.03 11.18
N GLN A 6 26.69 0.60 10.31
CA GLN A 6 26.47 0.01 9.00
C GLN A 6 27.78 -0.26 8.28
N GLU A 7 28.64 0.76 8.24
CA GLU A 7 29.91 0.64 7.54
C GLU A 7 30.87 -0.33 8.21
N GLU A 8 30.81 -0.45 9.55
CA GLU A 8 31.63 -1.46 10.22
C GLU A 8 31.16 -2.84 9.85
N ILE A 9 29.85 -2.99 9.76
CA ILE A 9 29.30 -4.25 9.33
C ILE A 9 29.84 -4.62 7.96
N ALA A 10 29.79 -3.68 7.03
CA ALA A 10 30.23 -3.93 5.66
C ALA A 10 31.68 -4.41 5.62
N LEU A 11 32.54 -3.76 6.36
CA LEU A 11 33.93 -4.16 6.41
C LEU A 11 34.09 -5.55 7.02
N LEU A 12 33.34 -5.78 8.09
CA LEU A 12 33.43 -7.03 8.81
C LEU A 12 33.12 -8.22 7.91
N LEU A 13 32.00 -8.13 7.21
CA LEU A 13 31.59 -9.18 6.31
C LEU A 13 32.56 -9.37 5.14
N ALA A 14 33.13 -8.27 4.65
CA ALA A 14 34.10 -8.36 3.55
C ALA A 14 35.34 -9.12 4.01
N ALA A 15 35.69 -8.95 5.28
CA ALA A 15 36.93 -9.50 5.81
C ALA A 15 36.82 -10.93 6.32
N LEU A 16 35.63 -11.37 6.65
CA LEU A 16 35.41 -12.76 7.09
C LEU A 16 35.16 -13.69 5.90
N ASP A 17 35.28 -14.99 6.12
CA ASP A 17 34.93 -15.99 5.12
C ASP A 17 34.44 -17.27 5.77
N GLY A 18 34.03 -18.23 4.93
CA GLY A 18 33.59 -19.54 5.37
C GLY A 18 32.51 -19.46 6.43
N ASP A 19 32.59 -20.36 7.39
CA ASP A 19 31.55 -20.48 8.39
C ASP A 19 31.43 -19.27 9.30
N ASN A 20 32.57 -18.61 9.60
CA ASN A 20 32.56 -17.37 10.40
C ASN A 20 31.65 -16.30 9.79
N LYS A 21 31.75 -16.16 8.47
CA LYS A 21 30.95 -15.19 7.74
C LYS A 21 29.49 -15.54 7.88
N LYS A 22 29.15 -16.80 7.62
CA LYS A 22 27.76 -17.23 7.71
C LYS A 22 27.24 -16.98 9.13
N ILE A 23 28.07 -17.23 10.13
CA ILE A 23 27.63 -17.09 11.51
C ILE A 23 27.36 -15.62 11.82
N ALA A 24 28.24 -14.76 11.35
CA ALA A 24 28.08 -13.33 11.49
C ALA A 24 26.76 -12.87 10.88
N ILE A 25 26.46 -13.36 9.69
CA ILE A 25 25.24 -13.01 9.01
C ILE A 25 24.06 -13.45 9.85
N LEU A 26 24.16 -14.66 10.39
CA LEU A 26 23.08 -15.18 11.21
C LEU A 26 22.87 -14.33 12.45
N CYS A 27 23.97 -13.91 13.09
CA CYS A 27 23.86 -13.15 14.33
C CYS A 27 23.28 -11.77 14.09
N LEU A 28 23.76 -11.13 13.03
CA LEU A 28 23.21 -9.84 12.57
C LEU A 28 21.75 -9.93 12.14
N SER A 29 21.29 -11.12 11.75
CA SER A 29 19.89 -11.34 11.35
C SER A 29 18.98 -11.67 12.54
N THR A 30 19.54 -12.21 13.61
CA THR A 30 18.71 -12.76 14.69
C THR A 30 19.02 -12.28 16.09
N GLY A 31 20.12 -11.58 16.30
CA GLY A 31 20.56 -11.23 17.64
C GLY A 31 21.17 -12.38 18.44
N ALA A 32 21.56 -13.45 17.75
CA ALA A 32 22.23 -14.60 18.38
C ALA A 32 23.55 -14.18 18.99
N ARG A 33 23.86 -14.75 20.13
CA ARG A 33 25.21 -14.75 20.65
C ARG A 33 26.05 -15.58 19.73
N TRP A 34 27.33 -15.32 19.66
CA TRP A 34 28.24 -16.17 18.87
C TRP A 34 28.05 -17.67 19.18
N GLY A 35 28.13 -18.07 20.45
CA GLY A 35 28.10 -19.48 20.84
C GLY A 35 26.86 -20.23 20.34
N GLU A 36 25.69 -19.71 20.67
CA GLU A 36 24.48 -20.39 20.28
C GLU A 36 24.33 -20.49 18.75
N ALA A 37 24.83 -19.49 18.01
CA ALA A 37 24.82 -19.53 16.55
C ALA A 37 25.82 -20.54 15.99
N ALA A 38 27.00 -20.60 16.60
CA ALA A 38 28.05 -21.47 16.09
C ALA A 38 27.73 -22.95 16.29
N ARG A 39 26.98 -23.28 17.34
CA ARG A 39 26.64 -24.68 17.69
C ARG A 39 25.37 -25.17 17.01
N LEU A 40 24.92 -24.45 16.01
CA LEU A 40 23.60 -24.67 15.45
C LEU A 40 23.57 -25.85 14.51
N LYS A 41 22.48 -26.63 14.58
CA LYS A 41 22.29 -27.82 13.77
C LYS A 41 21.17 -27.61 12.74
N ALA A 42 21.24 -28.36 11.64
CA ALA A 42 20.24 -28.33 10.57
C ALA A 42 18.81 -28.45 11.11
N GLU A 43 18.63 -29.32 12.09
CA GLU A 43 17.32 -29.59 12.68
C GLU A 43 16.73 -28.40 13.44
N ASN A 44 17.58 -27.43 13.80
CA ASN A 44 17.11 -26.23 14.49
C ASN A 44 16.56 -25.17 13.51
N ILE A 45 16.45 -25.50 12.22
CA ILE A 45 15.88 -24.58 11.23
C ILE A 45 14.73 -25.20 10.43
N ILE A 46 13.51 -24.82 10.81
CA ILE A 46 12.28 -25.38 10.24
C ILE A 46 11.52 -24.24 9.62
N HIS A 47 11.13 -24.38 8.34
CA HIS A 47 10.39 -23.35 7.65
C HIS A 47 10.92 -21.93 7.97
N ASN A 48 12.23 -21.74 7.77
CA ASN A 48 12.86 -20.42 7.90
C ASN A 48 12.72 -19.81 9.29
N ARG A 49 12.73 -20.69 10.27
CA ARG A 49 12.60 -20.30 11.66
C ARG A 49 13.70 -21.01 12.42
N VAL A 50 14.60 -20.22 13.02
CA VAL A 50 15.71 -20.72 13.80
C VAL A 50 15.35 -20.85 15.27
N THR A 51 15.64 -22.01 15.84
CA THR A 51 15.40 -22.25 17.27
C THR A 51 16.73 -22.39 18.01
N PHE A 52 16.97 -21.49 18.97
CA PHE A 52 18.10 -21.59 19.87
C PHE A 52 17.63 -22.29 21.15
N VAL A 53 18.24 -23.44 21.48
CA VAL A 53 17.68 -24.37 22.48
C VAL A 53 17.86 -23.89 23.91
N LYS A 54 17.38 -24.69 24.87
CA LYS A 54 17.65 -24.44 26.30
C LYS A 54 19.13 -24.65 26.59
N THR A 55 19.66 -23.92 27.58
CA THR A 55 21.08 -24.05 28.02
C THR A 55 21.24 -24.95 29.26
N ASN A 58 19.47 -20.10 30.53
CA ASN A 58 18.79 -19.42 29.41
C ASN A 58 17.72 -20.26 28.69
N LYS A 59 16.53 -19.69 28.58
CA LYS A 59 15.38 -20.39 28.03
C LYS A 59 15.43 -20.44 26.50
N PRO A 60 14.76 -21.43 25.88
CA PRO A 60 14.67 -21.52 24.40
C PRO A 60 13.90 -20.37 23.78
N ARG A 61 14.16 -20.12 22.51
CA ARG A 61 13.46 -19.06 21.74
C ARG A 61 13.66 -19.26 20.24
N THR A 62 12.75 -18.71 19.44
CA THR A 62 12.71 -18.95 18.01
C THR A 62 12.65 -17.63 17.29
N VAL A 63 13.42 -17.51 16.22
CA VAL A 63 13.52 -16.26 15.49
C VAL A 63 13.47 -16.53 14.00
N PRO A 64 12.63 -15.79 13.29
CA PRO A 64 12.51 -16.06 11.86
C PRO A 64 13.64 -15.45 11.01
N ILE A 65 13.96 -16.11 9.89
CA ILE A 65 14.97 -15.60 8.93
C ILE A 65 14.45 -15.65 7.50
N SER A 66 15.01 -14.83 6.63
CA SER A 66 14.59 -14.82 5.23
C SER A 66 15.03 -16.12 4.58
N GLU A 67 14.33 -16.47 3.52
CA GLU A 67 14.72 -17.56 2.63
C GLU A 67 16.20 -17.46 2.31
N ALA A 68 16.61 -16.29 1.83
CA ALA A 68 18.00 -16.08 1.43
C ALA A 68 19.00 -16.52 2.50
N VAL A 69 18.77 -16.12 3.75
CA VAL A 69 19.66 -16.45 4.84
C VAL A 69 19.64 -17.95 5.12
N ALA A 70 18.45 -18.52 5.20
CA ALA A 70 18.30 -19.96 5.39
C ALA A 70 18.99 -20.77 4.29
N LYS A 71 18.83 -20.32 3.05
CA LYS A 71 19.44 -20.95 1.87
C LYS A 71 20.95 -20.98 2.04
N MET A 72 21.50 -19.83 2.43
CA MET A 72 22.93 -19.68 2.54
C MET A 72 23.54 -20.46 3.72
N ILE A 73 22.85 -20.51 4.85
CA ILE A 73 23.43 -21.19 6.01
C ILE A 73 23.09 -22.68 6.09
N ALA A 74 22.06 -23.15 5.36
CA ALA A 74 21.65 -24.57 5.40
C ALA A 74 21.48 -25.16 3.97
N ASP A 75 21.91 -26.41 3.75
CA ASP A 75 21.83 -27.09 2.40
C ASP A 75 22.67 -28.39 2.36
N GLY A 79 23.54 -32.17 10.16
CA GLY A 79 24.30 -32.11 11.41
C GLY A 79 24.55 -30.69 11.88
N PHE A 80 25.74 -30.42 12.43
CA PHE A 80 26.13 -29.05 12.78
C PHE A 80 26.32 -28.21 11.53
N LEU A 81 25.76 -27.01 11.51
CA LEU A 81 25.86 -26.15 10.33
C LEU A 81 27.25 -25.54 10.10
N PHE A 82 27.99 -25.30 11.18
CA PHE A 82 29.22 -24.51 11.09
C PHE A 82 30.42 -25.24 11.70
N PRO A 83 30.82 -26.38 11.13
CA PRO A 83 31.91 -27.16 11.66
C PRO A 83 33.30 -26.53 11.48
N ASP A 84 33.42 -25.49 10.64
CA ASP A 84 34.72 -24.83 10.43
C ASP A 84 34.73 -23.41 10.96
N ALA A 85 33.86 -23.17 11.95
CA ALA A 85 33.88 -21.91 12.69
C ALA A 85 35.25 -21.80 13.35
N ASP A 86 35.70 -20.57 13.53
CA ASP A 86 36.99 -20.28 14.14
C ASP A 86 36.81 -18.99 14.90
N TYR A 87 36.48 -19.10 16.18
CA TYR A 87 36.19 -17.92 16.98
C TYR A 87 37.39 -16.99 17.09
N PRO A 88 38.58 -17.53 17.39
CA PRO A 88 39.73 -16.60 17.52
C PRO A 88 39.97 -15.77 16.28
N ARG A 89 39.85 -16.37 15.10
CA ARG A 89 39.96 -15.62 13.84
C ARG A 89 38.82 -14.60 13.68
N PHE A 90 37.62 -14.99 14.06
CA PHE A 90 36.55 -14.03 14.11
C PHE A 90 36.89 -12.84 15.00
N ARG A 91 37.29 -13.15 16.23
CA ARG A 91 37.70 -12.14 17.22
C ARG A 91 38.74 -11.18 16.66
N ARG A 92 39.83 -11.74 16.13
CA ARG A 92 40.90 -10.96 15.47
C ARG A 92 40.29 -10.01 14.45
N THR A 93 39.52 -10.54 13.54
CA THR A 93 38.98 -9.74 12.46
C THR A 93 38.09 -8.61 13.02
N MET A 94 37.25 -8.93 14.00
CA MET A 94 36.39 -7.95 14.68
C MET A 94 37.14 -6.81 15.33
N LYS A 95 38.20 -7.18 16.04
CA LYS A 95 39.01 -6.23 16.79
C LYS A 95 39.71 -5.31 15.82
N ALA A 96 40.09 -5.84 14.67
CA ALA A 96 40.70 -5.03 13.62
C ALA A 96 39.73 -3.98 13.05
N ILE A 97 38.46 -4.33 12.87
CA ILE A 97 37.45 -3.38 12.36
C ILE A 97 37.00 -2.38 13.42
N LYS A 98 36.87 -2.87 14.65
CA LYS A 98 36.42 -2.05 15.75
C LYS A 98 37.38 -2.19 16.94
N PRO A 99 38.49 -1.45 16.91
CA PRO A 99 39.58 -1.55 17.90
C PRO A 99 39.15 -1.24 19.32
N ASP A 100 38.26 -0.25 19.44
CA ASP A 100 37.79 0.21 20.74
C ASP A 100 36.79 -0.76 21.41
N LEU A 101 36.64 -1.97 20.85
CA LEU A 101 35.73 -2.94 21.41
C LEU A 101 36.26 -3.56 22.71
N PRO A 102 35.52 -3.41 23.84
CA PRO A 102 35.92 -3.97 25.13
C PRO A 102 36.26 -5.47 25.12
N MET A 103 37.01 -5.92 26.13
CA MET A 103 37.53 -7.31 26.18
C MET A 103 36.39 -8.33 26.23
N GLY A 104 36.57 -9.42 25.50
CA GLY A 104 35.64 -10.54 25.50
C GLY A 104 34.21 -10.18 25.12
N GLN A 105 34.02 -9.00 24.55
CA GLN A 105 32.69 -8.54 24.14
C GLN A 105 32.38 -8.92 22.68
N ALA A 106 33.35 -9.55 22.03
CA ALA A 106 33.23 -9.97 20.65
C ALA A 106 32.13 -10.98 20.40
N THR A 107 31.80 -11.78 21.43
CA THR A 107 30.69 -12.76 21.35
C THR A 107 29.32 -12.09 21.23
N HIS A 108 29.20 -10.84 21.68
CA HIS A 108 27.93 -10.12 21.82
C HIS A 108 27.82 -8.90 20.92
N ALA A 109 28.91 -8.47 20.32
CA ALA A 109 28.90 -7.26 19.48
C ALA A 109 27.86 -7.31 18.36
N LEU A 110 27.74 -8.45 17.71
CA LEU A 110 26.74 -8.58 16.66
C LEU A 110 25.32 -8.62 17.21
N ARG A 111 25.13 -9.28 18.35
CA ARG A 111 23.83 -9.27 18.98
C ARG A 111 23.42 -7.83 19.28
N HIS A 112 24.35 -7.05 19.81
CA HIS A 112 24.04 -5.68 20.17
C HIS A 112 23.81 -4.86 18.94
N SER A 113 24.42 -5.24 17.84
CA SER A 113 24.19 -4.51 16.58
C SER A 113 22.78 -4.79 15.99
N PHE A 114 22.38 -6.05 15.98
CA PHE A 114 21.02 -6.38 15.62
C PHE A 114 20.04 -5.53 16.44
N ALA A 115 20.19 -5.60 17.75
CA ALA A 115 19.23 -4.98 18.67
C ALA A 115 19.17 -3.48 18.44
N THR A 116 20.34 -2.91 18.28
CA THR A 116 20.45 -1.48 18.21
C THR A 116 19.76 -0.97 16.95
N HIS A 117 20.04 -1.59 15.82
CA HIS A 117 19.42 -1.14 14.59
C HIS A 117 17.92 -1.50 14.53
N PHE A 118 17.54 -2.63 15.12
CA PHE A 118 16.13 -2.98 15.27
C PHE A 118 15.37 -1.81 15.91
N MET A 119 15.90 -1.26 16.99
CA MET A 119 15.23 -0.14 17.67
C MET A 119 15.32 1.16 16.87
N ILE A 120 16.48 1.45 16.33
CA ILE A 120 16.64 2.66 15.54
C ILE A 120 15.57 2.65 14.44
N ASN A 121 15.34 1.49 13.83
CA ASN A 121 14.40 1.36 12.70
C ASN A 121 12.92 1.21 13.07
N GLY A 122 12.57 1.46 14.32
CA GLY A 122 11.17 1.53 14.72
C GLY A 122 10.60 0.28 15.32
N GLY A 123 11.44 -0.73 15.56
CA GLY A 123 11.00 -1.97 16.19
C GLY A 123 10.43 -1.76 17.58
N SER A 124 9.64 -2.70 18.04
CA SER A 124 9.06 -2.66 19.36
C SER A 124 10.05 -3.23 20.38
N ILE A 125 10.25 -2.53 21.49
CA ILE A 125 11.08 -3.05 22.57
C ILE A 125 10.59 -4.40 23.09
N ILE A 126 9.28 -4.66 23.00
CA ILE A 126 8.71 -5.91 23.58
C ILE A 126 9.00 -7.06 22.67
N THR A 127 8.84 -6.84 21.38
CA THR A 127 9.20 -7.83 20.40
C THR A 127 10.67 -8.14 20.50
N LEU A 128 11.48 -7.10 20.65
CA LEU A 128 12.90 -7.29 20.80
C LEU A 128 13.18 -8.17 22.04
N GLN A 129 12.54 -7.88 23.15
CA GLN A 129 12.72 -8.68 24.35
C GLN A 129 12.55 -10.15 24.03
N ARG A 130 11.51 -10.46 23.29
CA ARG A 130 11.24 -11.84 22.97
C ARG A 130 12.32 -12.42 22.07
N ILE A 131 12.67 -11.68 21.03
CA ILE A 131 13.66 -12.16 20.07
C ILE A 131 14.98 -12.47 20.75
N LEU A 132 15.41 -11.56 21.62
CA LEU A 132 16.63 -11.74 22.37
C LEU A 132 16.50 -12.83 23.43
N GLY A 133 15.29 -13.11 23.85
CA GLY A 133 15.08 -14.13 24.87
C GLY A 133 15.48 -13.61 26.24
N HIS A 134 15.31 -12.31 26.44
CA HIS A 134 15.46 -11.71 27.74
C HIS A 134 14.27 -12.05 28.62
N THR A 135 14.59 -12.41 29.85
CA THR A 135 13.62 -12.75 30.85
C THR A 135 12.83 -11.55 31.35
N ARG A 136 13.49 -10.41 31.39
CA ARG A 136 12.91 -9.21 31.90
C ARG A 136 13.16 -8.04 30.98
N ILE A 137 12.13 -7.22 30.80
CA ILE A 137 12.20 -6.08 29.88
C ILE A 137 13.36 -5.12 30.21
N GLU A 138 13.68 -5.01 31.48
CA GLU A 138 14.75 -4.13 31.98
C GLU A 138 16.07 -4.47 31.34
N GLN A 139 16.31 -5.74 31.08
CA GLN A 139 17.46 -6.15 30.30
C GLN A 139 17.48 -5.52 28.91
N THR A 140 16.34 -5.53 28.25
CA THR A 140 16.20 -4.98 26.90
C THR A 140 16.20 -3.45 26.84
N MET A 141 15.95 -2.79 27.96
CA MET A 141 15.89 -1.32 27.97
C MET A 141 17.25 -0.64 27.70
N VAL A 142 18.34 -1.42 27.72
CA VAL A 142 19.63 -0.89 27.34
C VAL A 142 19.57 -0.30 25.93
N TYR A 143 18.64 -0.79 25.12
CA TYR A 143 18.50 -0.34 23.74
C TYR A 143 17.43 0.71 23.56
N ALA A 144 16.73 1.06 24.63
CA ALA A 144 15.56 1.96 24.55
C ALA A 144 15.89 3.33 23.98
N HIS A 145 17.00 3.93 24.42
CA HIS A 145 17.33 5.29 23.97
C HIS A 145 17.56 5.38 22.47
N PHE A 146 17.75 4.25 21.78
CA PHE A 146 17.84 4.27 20.32
C PHE A 146 16.51 4.47 19.62
N ALA A 147 15.41 4.34 20.34
CA ALA A 147 14.08 4.39 19.72
C ALA A 147 13.65 5.80 19.51
N PRO A 148 12.94 6.04 18.42
CA PRO A 148 12.25 7.31 18.31
C PRO A 148 11.02 7.25 19.22
N GLU A 149 10.55 8.39 19.70
CA GLU A 149 9.32 8.44 20.50
C GLU A 149 8.27 9.30 19.81
N TYR A 150 7.03 8.81 19.82
CA TYR A 150 5.92 9.45 19.18
C TYR A 150 4.74 9.67 20.12
N LEU A 151 4.74 10.77 20.84
CA LEU A 151 3.61 11.12 21.69
C LEU A 151 2.28 11.28 20.91
N GLN A 152 2.33 11.64 19.64
CA GLN A 152 1.11 11.79 18.90
C GLN A 152 0.46 10.42 18.63
N ASP A 153 1.17 9.33 18.90
CA ASP A 153 0.50 8.03 18.87
C ASP A 153 -0.63 7.95 19.90
N ALA A 154 -0.66 8.84 20.87
CA ALA A 154 -1.80 8.85 21.80
C ALA A 154 -3.08 9.15 21.07
N ILE A 155 -2.98 9.83 19.95
CA ILE A 155 -4.11 10.23 19.19
C ILE A 155 -4.51 9.09 18.26
N SER A 156 -3.58 8.66 17.43
CA SER A 156 -3.94 7.73 16.37
C SER A 156 -4.12 6.30 16.83
N LEU A 157 -3.51 5.93 17.95
CA LEU A 157 -3.62 4.55 18.44
C LEU A 157 -4.65 4.40 19.52
N ASN A 158 -5.29 5.49 19.95
CA ASN A 158 -6.33 5.32 20.95
C ASN A 158 -7.57 4.63 20.31
N PRO A 159 -8.52 4.14 21.14
CA PRO A 159 -9.58 3.35 20.57
C PRO A 159 -10.61 4.11 19.76
N LEU A 160 -10.62 5.42 19.82
CA LEU A 160 -11.42 6.23 18.92
C LEU A 160 -10.66 6.66 17.67
N ARG A 161 -9.43 6.16 17.51
CA ARG A 161 -8.58 6.55 16.40
C ARG A 161 -8.39 8.07 16.28
N GLY A 162 -8.36 8.78 17.40
CA GLY A 162 -8.14 10.21 17.37
C GLY A 162 -9.40 11.00 17.09
N GLY A 163 -10.51 10.31 16.94
CA GLY A 163 -11.77 10.96 16.80
C GLY A 163 -12.59 11.12 18.06
N THR A 164 -13.88 11.34 17.86
CA THR A 164 -14.77 11.70 18.90
C THR A 164 -15.76 10.52 19.09
N GLU A 165 -15.66 9.51 18.24
CA GLU A 165 -16.72 8.54 18.07
C GLU A 165 -16.32 7.17 18.50
N ALA A 166 -15.54 6.43 17.72
CA ALA A 166 -15.37 4.98 18.02
C ALA A 166 -14.93 4.19 16.80
N GLU A 167 -14.73 2.89 16.99
CA GLU A 167 -14.64 1.93 15.90
C GLU A 167 -13.30 2.08 15.15
N THR B 1 -13.18 -8.19 32.43
CA THR B 1 -11.75 -8.57 32.16
C THR B 1 -10.81 -7.36 32.23
N GLY B 2 -11.31 -6.22 32.70
CA GLY B 2 -10.44 -5.12 33.07
C GLY B 2 -10.57 -3.93 32.17
N TYR B 3 -11.03 -4.13 30.92
CA TYR B 3 -11.13 -3.04 29.93
C TYR B 3 -12.34 -3.20 29.03
N LEU B 4 -12.67 -2.18 28.24
CA LEU B 4 -13.83 -2.26 27.34
C LEU B 4 -13.42 -2.64 25.95
N THR B 5 -14.15 -3.57 25.35
CA THR B 5 -14.00 -3.87 23.92
C THR B 5 -14.46 -2.69 23.07
N GLN B 6 -14.14 -2.77 21.80
CA GLN B 6 -14.59 -1.74 20.87
C GLN B 6 -16.09 -1.57 20.94
N GLU B 7 -16.81 -2.69 20.90
CA GLU B 7 -18.26 -2.64 20.93
C GLU B 7 -18.81 -2.14 22.26
N GLU B 8 -18.11 -2.43 23.36
CA GLU B 8 -18.54 -1.91 24.65
C GLU B 8 -18.37 -0.41 24.69
N ILE B 9 -17.27 0.05 24.13
CA ILE B 9 -17.05 1.49 24.01
C ILE B 9 -18.21 2.11 23.27
N ALA B 10 -18.54 1.57 22.11
CA ALA B 10 -19.63 2.11 21.27
C ALA B 10 -20.93 2.24 22.06
N LEU B 11 -21.29 1.20 22.80
CA LEU B 11 -22.51 1.23 23.58
C LEU B 11 -22.42 2.28 24.67
N LEU B 12 -21.28 2.33 25.33
CA LEU B 12 -21.08 3.24 26.42
C LEU B 12 -21.28 4.68 26.00
N LEU B 13 -20.61 5.05 24.93
CA LEU B 13 -20.74 6.41 24.38
C LEU B 13 -22.15 6.72 23.90
N ALA B 14 -22.83 5.74 23.33
CA ALA B 14 -24.22 5.95 22.90
C ALA B 14 -25.13 6.24 24.09
N ALA B 15 -24.84 5.58 25.22
CA ALA B 15 -25.68 5.64 26.39
C ALA B 15 -25.41 6.82 27.29
N LEU B 16 -24.21 7.42 27.23
CA LEU B 16 -23.92 8.59 28.05
C LEU B 16 -24.32 9.86 27.31
N ASP B 17 -24.37 10.97 28.05
CA ASP B 17 -24.60 12.28 27.45
C ASP B 17 -23.91 13.38 28.24
N GLY B 18 -23.99 14.61 27.73
CA GLY B 18 -23.48 15.80 28.42
C GLY B 18 -22.01 15.69 28.80
N ASP B 19 -21.68 16.20 29.97
CA ASP B 19 -20.29 16.21 30.40
C ASP B 19 -19.68 14.83 30.62
N ASN B 20 -20.50 13.89 31.08
CA ASN B 20 -20.04 12.49 31.26
C ASN B 20 -19.46 11.93 29.95
N LYS B 21 -20.20 12.18 28.88
CA LYS B 21 -19.80 11.67 27.57
C LYS B 21 -18.51 12.27 27.19
N LYS B 22 -18.41 13.60 27.33
CA LYS B 22 -17.17 14.28 26.97
C LYS B 22 -16.00 13.73 27.81
N ILE B 23 -16.24 13.45 29.08
CA ILE B 23 -15.17 12.99 29.96
C ILE B 23 -14.70 11.62 29.53
N ALA B 24 -15.66 10.76 29.21
CA ALA B 24 -15.39 9.43 28.72
C ALA B 24 -14.52 9.53 27.48
N ILE B 25 -14.90 10.39 26.56
CA ILE B 25 -14.15 10.55 25.33
C ILE B 25 -12.70 10.98 25.67
N LEU B 26 -12.58 11.89 26.61
CA LEU B 26 -11.28 12.37 27.02
C LEU B 26 -10.43 11.24 27.63
N CYS B 27 -11.05 10.39 28.47
CA CYS B 27 -10.30 9.34 29.12
C CYS B 27 -9.88 8.28 28.12
N LEU B 28 -10.78 7.92 27.23
CA LEU B 28 -10.46 7.00 26.14
C LEU B 28 -9.39 7.57 25.18
N SER B 29 -9.24 8.88 25.11
CA SER B 29 -8.25 9.49 24.26
C SER B 29 -6.88 9.61 24.94
N THR B 30 -6.84 9.62 26.27
CA THR B 30 -5.65 10.03 26.97
C THR B 30 -5.17 9.10 28.06
N GLY B 31 -5.99 8.13 28.45
CA GLY B 31 -5.65 7.31 29.60
C GLY B 31 -5.82 8.01 30.94
N ALA B 32 -6.60 9.08 30.97
CA ALA B 32 -6.97 9.80 32.20
C ALA B 32 -7.79 8.94 33.13
N ARG B 33 -7.53 9.05 34.41
CA ARG B 33 -8.42 8.57 35.44
C ARG B 33 -9.64 9.44 35.43
N TRP B 34 -10.80 8.94 35.85
CA TRP B 34 -12.02 9.74 35.87
C TRP B 34 -11.80 11.06 36.57
N GLY B 35 -11.24 11.01 37.77
CA GLY B 35 -11.10 12.19 38.60
C GLY B 35 -10.34 13.29 37.92
N GLU B 36 -9.14 12.98 37.46
CA GLU B 36 -8.27 14.00 36.92
C GLU B 36 -8.89 14.59 35.66
N ALA B 37 -9.63 13.79 34.90
CA ALA B 37 -10.39 14.30 33.73
C ALA B 37 -11.60 15.17 34.09
N ALA B 38 -12.34 14.77 35.10
CA ALA B 38 -13.52 15.52 35.52
C ALA B 38 -13.20 16.89 36.11
N ARG B 39 -12.05 17.01 36.78
CA ARG B 39 -11.64 18.25 37.47
C ARG B 39 -10.85 19.18 36.55
N LEU B 40 -10.89 18.93 35.25
CA LEU B 40 -10.05 19.63 34.30
C LEU B 40 -10.58 21.02 33.98
N LYS B 41 -9.65 21.96 33.87
CA LYS B 41 -9.93 23.37 33.60
C LYS B 41 -9.45 23.75 32.20
N ALA B 42 -10.08 24.78 31.64
CA ALA B 42 -9.72 25.32 30.31
C ALA B 42 -8.24 25.58 30.17
N GLU B 43 -7.65 26.11 31.23
CA GLU B 43 -6.24 26.46 31.23
C GLU B 43 -5.30 25.26 31.10
N ASN B 44 -5.80 24.06 31.37
CA ASN B 44 -4.98 22.85 31.26
C ASN B 44 -4.91 22.31 29.85
N ILE B 45 -5.45 23.06 28.88
CA ILE B 45 -5.43 22.66 27.47
C ILE B 45 -4.86 23.76 26.56
N ILE B 46 -3.61 23.57 26.17
CA ILE B 46 -2.87 24.53 25.40
C ILE B 46 -2.50 23.81 24.12
N HIS B 47 -2.77 24.44 22.98
CA HIS B 47 -2.38 23.87 21.69
C HIS B 47 -2.63 22.37 21.61
N ASN B 48 -3.85 21.97 21.91
CA ASN B 48 -4.24 20.59 21.77
C ASN B 48 -3.38 19.65 22.58
N ARG B 49 -2.98 20.13 23.76
CA ARG B 49 -2.22 19.33 24.71
C ARG B 49 -2.82 19.48 26.07
N VAL B 50 -3.24 18.36 26.64
CA VAL B 50 -3.83 18.34 27.94
C VAL B 50 -2.78 18.10 29.02
N THR B 51 -2.81 18.91 30.09
CA THR B 51 -1.90 18.75 31.21
C THR B 51 -2.68 18.33 32.46
N PHE B 52 -2.35 17.15 32.98
CA PHE B 52 -2.92 16.67 34.24
C PHE B 52 -1.91 17.03 35.32
N VAL B 53 -2.33 17.83 36.29
CA VAL B 53 -1.39 18.53 37.15
C VAL B 53 -0.88 17.60 38.27
N LYS B 54 -0.11 18.16 39.20
CA LYS B 54 0.23 17.49 40.46
C LYS B 54 -0.61 16.29 40.84
N LYS B 59 1.86 13.21 40.29
CA LYS B 59 2.90 13.71 39.34
C LYS B 59 2.41 14.30 37.98
N PRO B 60 2.88 15.48 37.58
CA PRO B 60 2.30 16.00 36.33
C PRO B 60 2.75 15.30 35.04
N ARG B 61 1.90 15.39 34.03
CA ARG B 61 2.17 14.81 32.72
C ARG B 61 1.21 15.42 31.68
N THR B 62 1.64 15.37 30.42
CA THR B 62 0.96 16.07 29.34
C THR B 62 0.69 15.10 28.20
N VAL B 63 -0.50 15.16 27.63
CA VAL B 63 -0.91 14.20 26.61
C VAL B 63 -1.62 14.93 25.46
N PRO B 64 -1.22 14.67 24.21
CA PRO B 64 -1.84 15.39 23.11
C PRO B 64 -3.21 14.85 22.72
N ILE B 65 -4.08 15.72 22.24
CA ILE B 65 -5.38 15.31 21.72
C ILE B 65 -5.62 15.91 20.34
N SER B 66 -6.49 15.28 19.57
CA SER B 66 -6.85 15.79 18.27
C SER B 66 -7.60 17.09 18.41
N GLU B 67 -7.53 17.90 17.37
CA GLU B 67 -8.36 19.09 17.24
C GLU B 67 -9.81 18.76 17.60
N ALA B 68 -10.37 17.73 16.96
CA ALA B 68 -11.77 17.35 17.15
C ALA B 68 -12.11 17.21 18.62
N VAL B 69 -11.27 16.51 19.37
CA VAL B 69 -11.52 16.31 20.77
C VAL B 69 -11.45 17.62 21.53
N ALA B 70 -10.40 18.39 21.31
CA ALA B 70 -10.23 19.67 21.99
C ALA B 70 -11.41 20.60 21.72
N LYS B 71 -11.88 20.58 20.47
CA LYS B 71 -12.99 21.41 20.01
C LYS B 71 -14.22 21.05 20.84
N MET B 72 -14.45 19.76 20.96
CA MET B 72 -15.62 19.25 21.63
C MET B 72 -15.60 19.45 23.14
N ILE B 73 -14.45 19.32 23.78
CA ILE B 73 -14.42 19.45 25.23
C ILE B 73 -14.14 20.87 25.73
N ALA B 74 -13.62 21.74 24.87
CA ALA B 74 -13.32 23.11 25.30
C ALA B 74 -14.01 24.17 24.50
N ASP B 75 -15.33 23.97 24.44
CA ASP B 75 -16.27 24.82 23.68
C ASP B 75 -15.64 25.43 22.42
N GLY B 79 -13.13 28.20 32.88
CA GLY B 79 -13.08 27.58 34.22
C GLY B 79 -12.97 26.06 34.18
N PHE B 80 -13.72 25.36 35.04
CA PHE B 80 -13.83 23.91 34.97
C PHE B 80 -14.57 23.49 33.72
N LEU B 81 -14.05 22.51 32.99
CA LEU B 81 -14.64 22.10 31.72
C LEU B 81 -15.94 21.31 31.90
N PHE B 82 -16.06 20.58 32.99
CA PHE B 82 -17.12 19.63 33.14
C PHE B 82 -17.92 19.83 34.44
N PRO B 83 -18.59 20.97 34.56
CA PRO B 83 -19.37 21.29 35.76
C PRO B 83 -20.65 20.46 35.94
N ASP B 84 -21.10 19.71 34.93
CA ASP B 84 -22.30 18.87 35.07
C ASP B 84 -22.00 17.38 34.98
N ALA B 85 -20.76 17.03 35.32
CA ALA B 85 -20.36 15.64 35.44
C ALA B 85 -21.26 15.02 36.50
N ASP B 86 -21.49 13.72 36.39
CA ASP B 86 -22.28 12.97 37.36
C ASP B 86 -21.66 11.57 37.42
N TYR B 87 -20.76 11.36 38.38
CA TYR B 87 -20.06 10.10 38.42
C TYR B 87 -21.02 8.92 38.67
N PRO B 88 -21.93 9.05 39.64
CA PRO B 88 -22.78 7.88 39.89
C PRO B 88 -23.57 7.45 38.67
N ARG B 89 -24.09 8.40 37.89
CA ARG B 89 -24.74 8.06 36.63
C ARG B 89 -23.80 7.43 35.63
N PHE B 90 -22.63 7.95 35.55
CA PHE B 90 -21.59 7.30 34.75
C PHE B 90 -21.42 5.84 35.19
N ARG B 91 -21.19 5.65 36.48
CA ARG B 91 -20.98 4.30 37.08
C ARG B 91 -22.16 3.37 36.70
N ARG B 92 -23.38 3.80 36.96
CA ARG B 92 -24.61 3.07 36.58
C ARG B 92 -24.60 2.67 35.13
N THR B 93 -24.35 3.62 34.25
CA THR B 93 -24.33 3.31 32.84
C THR B 93 -23.23 2.26 32.50
N MET B 94 -22.04 2.45 33.07
CA MET B 94 -20.93 1.52 32.86
C MET B 94 -21.26 0.11 33.30
N LYS B 95 -21.86 0.01 34.46
CA LYS B 95 -22.18 -1.26 35.04
C LYS B 95 -23.22 -1.98 34.20
N ALA B 96 -24.13 -1.22 33.61
CA ALA B 96 -25.08 -1.78 32.68
C ALA B 96 -24.43 -2.36 31.43
N ILE B 97 -23.42 -1.69 30.87
CA ILE B 97 -22.74 -2.18 29.67
C ILE B 97 -21.79 -3.34 30.00
N LYS B 98 -21.09 -3.21 31.11
CA LYS B 98 -20.07 -4.17 31.50
C LYS B 98 -20.34 -4.60 32.96
N PRO B 99 -21.31 -5.49 33.15
CA PRO B 99 -21.72 -6.01 34.48
C PRO B 99 -20.58 -6.63 35.30
N ASP B 100 -19.71 -7.36 34.64
CA ASP B 100 -18.61 -8.09 35.27
C ASP B 100 -17.45 -7.19 35.70
N LEU B 101 -17.65 -5.87 35.68
CA LEU B 101 -16.59 -4.94 36.06
C LEU B 101 -16.35 -4.86 37.57
N PRO B 102 -15.09 -5.10 38.03
CA PRO B 102 -14.76 -5.18 39.50
C PRO B 102 -15.09 -3.92 40.25
N MET B 103 -15.21 -4.03 41.57
CA MET B 103 -15.72 -2.95 42.41
C MET B 103 -14.83 -1.75 42.32
N GLY B 104 -15.46 -0.58 42.30
CA GLY B 104 -14.74 0.70 42.31
C GLY B 104 -13.73 0.85 41.19
N GLN B 105 -13.79 0.00 40.18
CA GLN B 105 -12.86 0.07 39.06
C GLN B 105 -13.39 0.95 37.94
N ALA B 106 -14.60 1.49 38.10
CA ALA B 106 -15.21 2.34 37.10
C ALA B 106 -14.44 3.62 36.80
N THR B 107 -13.69 4.11 37.79
CA THR B 107 -12.81 5.27 37.63
C THR B 107 -11.63 5.00 36.70
N HIS B 108 -11.25 3.74 36.55
CA HIS B 108 -10.04 3.34 35.81
C HIS B 108 -10.30 2.49 34.58
N ALA B 109 -11.53 2.03 34.41
CA ALA B 109 -11.88 1.21 33.25
C ALA B 109 -11.53 1.84 31.92
N LEU B 110 -11.80 3.13 31.77
CA LEU B 110 -11.46 3.79 30.55
C LEU B 110 -9.95 3.99 30.39
N ARG B 111 -9.24 4.27 31.49
N ARG B 111 -9.24 4.27 31.49
CA ARG B 111 -7.77 4.37 31.41
CA ARG B 111 -7.78 4.37 31.40
C ARG B 111 -7.20 3.04 30.94
C ARG B 111 -7.20 3.04 30.94
N HIS B 112 -7.74 1.95 31.44
CA HIS B 112 -7.25 0.64 31.06
C HIS B 112 -7.59 0.33 29.62
N SER B 113 -8.70 0.87 29.15
CA SER B 113 -9.11 0.62 27.77
C SER B 113 -8.26 1.39 26.78
N PHE B 114 -7.99 2.66 27.07
CA PHE B 114 -6.99 3.38 26.32
C PHE B 114 -5.68 2.58 26.22
N ALA B 115 -5.12 2.21 27.37
CA ALA B 115 -3.82 1.57 27.42
C ALA B 115 -3.85 0.28 26.63
N THR B 116 -4.91 -0.47 26.82
CA THR B 116 -4.98 -1.80 26.29
C THR B 116 -5.02 -1.71 24.80
N HIS B 117 -5.87 -0.84 24.26
CA HIS B 117 -5.97 -0.71 22.81
C HIS B 117 -4.73 -0.07 22.23
N PHE B 118 -4.15 0.88 22.95
CA PHE B 118 -2.88 1.50 22.51
C PHE B 118 -1.87 0.39 22.20
N MET B 119 -1.75 -0.57 23.09
CA MET B 119 -0.83 -1.66 22.87
C MET B 119 -1.31 -2.61 21.78
N ILE B 120 -2.59 -2.95 21.78
CA ILE B 120 -3.11 -3.85 20.75
C ILE B 120 -2.83 -3.26 19.39
N ASN B 121 -2.99 -1.94 19.27
CA ASN B 121 -2.75 -1.23 18.01
C ASN B 121 -1.28 -0.91 17.69
N GLY B 122 -0.33 -1.48 18.42
CA GLY B 122 1.10 -1.35 18.01
C GLY B 122 1.86 -0.25 18.70
N GLY B 123 1.24 0.43 19.65
CA GLY B 123 1.92 1.46 20.43
C GLY B 123 3.13 0.94 21.21
N SER B 124 4.00 1.86 21.58
CA SER B 124 5.21 1.56 22.31
C SER B 124 4.91 1.54 23.79
N ILE B 125 5.37 0.49 24.46
CA ILE B 125 5.22 0.41 25.91
C ILE B 125 5.90 1.59 26.65
N ILE B 126 6.95 2.14 26.07
CA ILE B 126 7.67 3.24 26.69
C ILE B 126 6.91 4.52 26.59
N THR B 127 6.39 4.77 25.40
CA THR B 127 5.54 5.94 25.20
C THR B 127 4.34 5.83 26.13
N LEU B 128 3.76 4.63 26.20
CA LEU B 128 2.60 4.42 27.08
C LEU B 128 2.96 4.74 28.54
N GLN B 129 4.13 4.28 28.99
CA GLN B 129 4.59 4.65 30.32
C GLN B 129 4.54 6.14 30.56
N ARG B 130 5.07 6.91 29.62
CA ARG B 130 5.10 8.36 29.78
C ARG B 130 3.68 8.90 29.81
N ILE B 131 2.84 8.44 28.89
CA ILE B 131 1.46 8.95 28.79
C ILE B 131 0.70 8.71 30.07
N LEU B 132 0.80 7.50 30.59
CA LEU B 132 0.12 7.16 31.82
C LEU B 132 0.73 7.85 33.04
N GLY B 133 1.98 8.25 32.92
CA GLY B 133 2.63 8.92 34.01
C GLY B 133 3.08 7.93 35.06
N HIS B 134 3.41 6.73 34.60
CA HIS B 134 4.02 5.71 35.45
C HIS B 134 5.48 6.05 35.69
N THR B 135 5.87 5.91 36.93
CA THR B 135 7.24 6.13 37.38
C THR B 135 8.21 5.08 36.90
N ARG B 136 7.72 3.87 36.78
CA ARG B 136 8.54 2.76 36.40
C ARG B 136 7.86 1.92 35.33
N ILE B 137 8.65 1.48 34.37
CA ILE B 137 8.14 0.69 33.25
C ILE B 137 7.38 -0.57 33.69
N GLU B 138 7.81 -1.15 34.80
CA GLU B 138 7.21 -2.37 35.31
C GLU B 138 5.73 -2.18 35.57
N GLN B 139 5.36 -1.00 36.04
CA GLN B 139 3.95 -0.68 36.22
C GLN B 139 3.16 -0.84 34.90
N THR B 140 3.75 -0.32 33.82
CA THR B 140 3.13 -0.37 32.52
C THR B 140 3.11 -1.75 31.85
N MET B 141 3.98 -2.67 32.31
CA MET B 141 4.08 -3.99 31.70
C MET B 141 2.82 -4.86 31.93
N VAL B 142 1.91 -4.40 32.78
CA VAL B 142 0.60 -5.06 32.89
C VAL B 142 -0.10 -5.12 31.54
N TYR B 143 0.23 -4.19 30.62
CA TYR B 143 -0.41 -4.16 29.30
C TYR B 143 0.41 -4.85 28.25
N ALA B 144 1.59 -5.36 28.62
CA ALA B 144 2.55 -5.88 27.62
C ALA B 144 2.03 -7.03 26.79
N HIS B 145 1.34 -7.94 27.42
CA HIS B 145 0.82 -9.10 26.71
C HIS B 145 -0.19 -8.78 25.58
N PHE B 146 -0.76 -7.57 25.56
CA PHE B 146 -1.62 -7.15 24.47
C PHE B 146 -0.85 -6.79 23.19
N ALA B 147 0.47 -6.65 23.27
CA ALA B 147 1.23 -6.20 22.11
C ALA B 147 1.39 -7.34 21.15
N PRO B 148 1.29 -7.05 19.87
CA PRO B 148 1.60 -8.09 18.91
C PRO B 148 3.07 -8.31 19.02
N GLU B 149 3.55 -9.50 18.71
CA GLU B 149 4.98 -9.70 18.74
C GLU B 149 5.18 -10.17 17.33
N TYR B 150 5.57 -9.20 16.49
CA TYR B 150 5.68 -9.35 15.07
C TYR B 150 7.11 -9.82 14.94
N LEU B 151 7.29 -11.10 15.22
CA LEU B 151 8.62 -11.69 15.14
C LEU B 151 9.27 -11.53 13.76
N GLN B 152 8.51 -11.41 12.69
CA GLN B 152 9.15 -11.25 11.38
C GLN B 152 9.79 -9.89 11.19
N ASP B 153 9.56 -8.97 12.12
CA ASP B 153 10.38 -7.78 12.15
C ASP B 153 11.85 -8.10 12.39
N ALA B 154 12.20 -9.27 12.87
CA ALA B 154 13.62 -9.66 12.98
C ALA B 154 14.26 -9.66 11.61
N ILE B 155 13.44 -9.87 10.59
CA ILE B 155 13.94 -9.95 9.23
C ILE B 155 14.07 -8.55 8.64
N SER B 156 12.97 -7.82 8.62
CA SER B 156 12.98 -6.56 7.88
C SER B 156 13.65 -5.41 8.65
N LEU B 157 13.75 -5.50 9.96
CA LEU B 157 14.41 -4.46 10.75
C LEU B 157 15.87 -4.74 11.05
N ASN B 158 16.39 -5.92 10.67
CA ASN B 158 17.82 -6.38 10.63
C ASN B 158 18.64 -5.27 10.13
N PRO B 159 19.90 -5.18 10.58
CA PRO B 159 20.81 -4.32 9.87
C PRO B 159 21.22 -4.76 8.48
N LEU B 160 20.93 -5.98 8.08
CA LEU B 160 21.03 -6.39 6.66
C LEU B 160 19.70 -6.29 5.89
N ARG B 161 18.69 -5.70 6.51
CA ARG B 161 17.36 -5.58 5.91
C ARG B 161 16.83 -6.93 5.44
N GLY B 162 17.13 -8.01 6.14
CA GLY B 162 16.58 -9.30 5.77
C GLY B 162 17.35 -9.99 4.68
N GLY B 163 18.41 -9.37 4.21
CA GLY B 163 19.23 -9.98 3.21
C GLY B 163 20.42 -10.69 3.80
N THR B 164 21.38 -10.91 2.91
CA THR B 164 22.51 -11.70 3.20
C THR B 164 23.73 -10.76 3.23
N GLU B 165 23.53 -9.48 2.96
CA GLU B 165 24.68 -8.58 2.81
C GLU B 165 24.39 -7.10 3.10
N ALA B 166 25.47 -6.33 3.05
CA ALA B 166 25.44 -4.90 3.35
C ALA B 166 25.06 -4.06 2.12
N GLU B 167 24.81 -2.77 2.35
CA GLU B 167 24.44 -1.79 1.31
C GLU B 167 25.68 -0.94 0.90
N SER B 168 25.57 -0.17 -0.18
CA SER B 168 26.54 0.90 -0.52
C SER B 168 26.02 1.78 -1.65
N GLY C 2 -2.89 -4.36 -42.17
CA GLY C 2 -3.39 -3.51 -43.26
C GLY C 2 -4.68 -2.83 -42.81
N TYR C 3 -4.74 -1.50 -42.96
CA TYR C 3 -5.95 -0.72 -42.70
C TYR C 3 -6.06 0.37 -43.77
N LEU C 4 -7.22 1.01 -43.86
CA LEU C 4 -7.40 2.07 -44.86
C LEU C 4 -7.19 3.43 -44.27
N THR C 5 -6.50 4.29 -45.00
CA THR C 5 -6.40 5.67 -44.61
C THR C 5 -7.75 6.35 -44.79
N GLN C 6 -7.84 7.56 -44.25
CA GLN C 6 -9.02 8.36 -44.43
C GLN C 6 -9.37 8.50 -45.91
N GLU C 7 -8.38 8.84 -46.72
CA GLU C 7 -8.60 9.06 -48.13
C GLU C 7 -8.94 7.77 -48.86
N GLU C 8 -8.38 6.65 -48.41
CA GLU C 8 -8.76 5.37 -49.02
C GLU C 8 -10.22 5.05 -48.71
N ILE C 9 -10.63 5.34 -47.48
CA ILE C 9 -12.02 5.16 -47.11
C ILE C 9 -12.92 5.97 -48.05
N ALA C 10 -12.59 7.24 -48.22
CA ALA C 10 -13.39 8.13 -49.09
C ALA C 10 -13.56 7.56 -50.49
N LEU C 11 -12.47 7.09 -51.08
CA LEU C 11 -12.53 6.52 -52.42
C LEU C 11 -13.38 5.23 -52.42
N LEU C 12 -13.16 4.41 -51.40
CA LEU C 12 -13.85 3.15 -51.30
C LEU C 12 -15.37 3.35 -51.31
N LEU C 13 -15.83 4.23 -50.45
CA LEU C 13 -17.25 4.50 -50.34
C LEU C 13 -17.83 5.14 -51.60
N ALA C 14 -17.06 5.99 -52.26
CA ALA C 14 -17.50 6.56 -53.53
C ALA C 14 -17.68 5.48 -54.60
N ALA C 15 -16.85 4.45 -54.57
CA ALA C 15 -16.79 3.42 -55.60
C ALA C 15 -17.74 2.28 -55.38
N LEU C 16 -18.18 2.05 -54.15
CA LEU C 16 -19.15 0.99 -53.87
C LEU C 16 -20.57 1.53 -54.06
N ASP C 17 -21.55 0.62 -54.15
CA ASP C 17 -22.95 1.01 -54.11
C ASP C 17 -23.79 -0.08 -53.47
N GLY C 18 -25.09 0.20 -53.36
CA GLY C 18 -26.06 -0.78 -52.87
C GLY C 18 -25.69 -1.34 -51.52
N ASP C 19 -25.93 -2.62 -51.32
CA ASP C 19 -25.75 -3.21 -50.01
C ASP C 19 -24.28 -3.27 -49.60
N ASN C 20 -23.37 -3.44 -50.57
CA ASN C 20 -21.92 -3.44 -50.29
C ASN C 20 -21.49 -2.15 -49.58
N LYS C 21 -22.01 -1.03 -50.09
CA LYS C 21 -21.70 0.27 -49.51
C LYS C 21 -22.22 0.32 -48.09
N LYS C 22 -23.47 -0.05 -47.88
CA LYS C 22 -24.05 0.00 -46.55
C LYS C 22 -23.25 -0.87 -45.58
N ILE C 23 -22.81 -2.04 -46.05
CA ILE C 23 -22.09 -2.96 -45.18
C ILE C 23 -20.75 -2.39 -44.79
N ALA C 24 -20.09 -1.76 -45.77
CA ALA C 24 -18.85 -1.06 -45.54
C ALA C 24 -19.02 -0.01 -44.45
N ILE C 25 -20.07 0.78 -44.59
CA ILE C 25 -20.35 1.84 -43.63
C ILE C 25 -20.57 1.26 -42.26
N LEU C 26 -21.29 0.15 -42.21
CA LEU C 26 -21.52 -0.53 -40.95
C LEU C 26 -20.21 -1.05 -40.31
N CYS C 27 -19.34 -1.63 -41.11
CA CYS C 27 -18.09 -2.21 -40.57
C CYS C 27 -17.17 -1.12 -40.09
N LEU C 28 -17.07 -0.05 -40.86
CA LEU C 28 -16.30 1.10 -40.45
C LEU C 28 -16.85 1.78 -39.20
N SER C 29 -18.15 1.61 -38.95
CA SER C 29 -18.80 2.19 -37.77
C SER C 29 -18.71 1.32 -36.53
N THR C 30 -18.49 0.04 -36.71
CA THR C 30 -18.60 -0.90 -35.60
C THR C 30 -17.45 -1.88 -35.39
N GLY C 31 -16.52 -1.97 -36.36
CA GLY C 31 -15.49 -2.98 -36.31
C GLY C 31 -15.96 -4.37 -36.63
N ALA C 32 -17.13 -4.48 -37.27
CA ALA C 32 -17.67 -5.76 -37.75
C ALA C 32 -16.75 -6.39 -38.79
N ARG C 33 -16.61 -7.71 -38.71
CA ARG C 33 -16.09 -8.50 -39.82
C ARG C 33 -17.10 -8.42 -40.96
N TRP C 34 -16.66 -8.59 -42.20
CA TRP C 34 -17.60 -8.59 -43.33
C TRP C 34 -18.76 -9.54 -43.09
N GLY C 35 -18.45 -10.78 -42.75
CA GLY C 35 -19.46 -11.83 -42.66
C GLY C 35 -20.59 -11.49 -41.69
N GLU C 36 -20.22 -11.16 -40.48
CA GLU C 36 -21.23 -10.92 -39.45
C GLU C 36 -22.10 -9.71 -39.83
N ALA C 37 -21.51 -8.73 -40.50
CA ALA C 37 -22.27 -7.55 -40.98
C ALA C 37 -23.20 -7.88 -42.14
N ALA C 38 -22.70 -8.69 -43.06
CA ALA C 38 -23.47 -9.04 -44.23
C ALA C 38 -24.71 -9.90 -43.88
N ARG C 39 -24.61 -10.72 -42.84
CA ARG C 39 -25.70 -11.65 -42.45
C ARG C 39 -26.67 -11.04 -41.45
N LEU C 40 -26.63 -9.72 -41.31
CA LEU C 40 -27.36 -9.04 -40.26
C LEU C 40 -28.84 -8.90 -40.61
N LYS C 41 -29.69 -9.10 -39.60
CA LYS C 41 -31.13 -9.00 -39.73
C LYS C 41 -31.66 -7.75 -39.01
N ALA C 42 -32.82 -7.27 -39.47
CA ALA C 42 -33.51 -6.12 -38.87
C ALA C 42 -33.63 -6.24 -37.38
N GLU C 43 -33.93 -7.44 -36.90
CA GLU C 43 -34.17 -7.68 -35.48
C GLU C 43 -32.93 -7.51 -34.62
N ASN C 44 -31.75 -7.54 -35.25
CA ASN C 44 -30.50 -7.34 -34.55
C ASN C 44 -30.19 -5.86 -34.28
N ILE C 45 -31.12 -4.96 -34.59
CA ILE C 45 -30.94 -3.53 -34.38
C ILE C 45 -32.10 -2.93 -33.59
N ILE C 46 -31.85 -2.68 -32.33
CA ILE C 46 -32.83 -2.15 -31.41
C ILE C 46 -32.27 -0.82 -30.88
N HIS C 47 -33.08 0.24 -30.95
CA HIS C 47 -32.66 1.54 -30.43
C HIS C 47 -31.20 1.89 -30.72
N ASN C 48 -30.87 1.83 -32.00
CA ASN C 48 -29.56 2.25 -32.48
C ASN C 48 -28.42 1.47 -31.89
N ARG C 49 -28.69 0.18 -31.68
CA ARG C 49 -27.72 -0.66 -31.08
C ARG C 49 -27.73 -2.01 -31.81
N VAL C 50 -26.59 -2.33 -32.41
CA VAL C 50 -26.43 -3.51 -33.24
C VAL C 50 -25.94 -4.66 -32.41
N THR C 51 -26.58 -5.81 -32.55
CA THR C 51 -26.13 -7.00 -31.86
C THR C 51 -25.61 -8.04 -32.86
N PHE C 52 -24.34 -8.40 -32.72
CA PHE C 52 -23.74 -9.48 -33.50
C PHE C 52 -23.82 -10.73 -32.66
N VAL C 53 -24.51 -11.77 -33.17
CA VAL C 53 -24.94 -12.91 -32.35
C VAL C 53 -23.80 -13.87 -32.06
N LYS C 54 -24.12 -14.96 -31.35
CA LYS C 54 -23.17 -16.04 -31.12
C LYS C 54 -22.89 -16.74 -32.45
N THR C 55 -21.68 -17.31 -32.59
CA THR C 55 -21.32 -18.10 -33.78
C THR C 55 -21.48 -19.61 -33.55
N ASN C 58 -17.03 -17.71 -31.21
CA ASN C 58 -17.13 -16.27 -30.94
C ASN C 58 -18.42 -15.85 -30.21
N LYS C 59 -18.24 -15.22 -29.05
CA LYS C 59 -19.34 -14.87 -28.17
C LYS C 59 -20.05 -13.58 -28.66
N PRO C 60 -21.36 -13.41 -28.33
CA PRO C 60 -22.18 -12.23 -28.75
C PRO C 60 -21.69 -10.90 -28.16
N ARG C 61 -22.05 -9.80 -28.81
CA ARG C 61 -21.64 -8.45 -28.38
C ARG C 61 -22.53 -7.41 -29.07
N THR C 62 -22.62 -6.23 -28.47
CA THR C 62 -23.51 -5.16 -28.93
C THR C 62 -22.74 -3.86 -29.10
N VAL C 63 -22.97 -3.15 -30.19
CA VAL C 63 -22.24 -1.95 -30.50
C VAL C 63 -23.21 -0.87 -30.92
N PRO C 64 -23.12 0.33 -30.34
CA PRO C 64 -24.05 1.39 -30.72
C PRO C 64 -23.72 2.06 -32.07
N ILE C 65 -24.74 2.53 -32.77
CA ILE C 65 -24.55 3.29 -34.03
C ILE C 65 -25.37 4.56 -34.01
N SER C 66 -24.96 5.54 -34.80
CA SER C 66 -25.69 6.80 -34.86
C SER C 66 -27.04 6.56 -35.51
N GLU C 67 -27.98 7.44 -35.21
CA GLU C 67 -29.26 7.49 -35.89
C GLU C 67 -29.06 7.39 -37.40
N ALA C 68 -28.20 8.25 -37.95
CA ALA C 68 -27.94 8.30 -39.36
C ALA C 68 -27.64 6.93 -39.94
N VAL C 69 -26.76 6.20 -39.30
CA VAL C 69 -26.32 4.90 -39.82
C VAL C 69 -27.47 3.92 -39.74
N ALA C 70 -28.16 3.89 -38.61
CA ALA C 70 -29.32 3.01 -38.44
C ALA C 70 -30.40 3.27 -39.47
N LYS C 71 -30.65 4.55 -39.73
CA LYS C 71 -31.65 5.02 -40.66
C LYS C 71 -31.30 4.43 -42.02
N MET C 72 -30.02 4.56 -42.38
CA MET C 72 -29.58 4.16 -43.71
C MET C 72 -29.55 2.66 -43.94
N ILE C 73 -29.19 1.91 -42.92
CA ILE C 73 -29.09 0.46 -43.12
C ILE C 73 -30.36 -0.29 -42.81
N ALA C 74 -31.29 0.33 -42.09
CA ALA C 74 -32.55 -0.33 -41.74
C ALA C 74 -33.79 0.51 -42.06
N GLY C 79 -36.31 -8.67 -42.28
CA GLY C 79 -35.51 -9.86 -42.60
C GLY C 79 -34.02 -9.55 -42.63
N PHE C 80 -33.29 -10.17 -43.57
CA PHE C 80 -31.85 -9.87 -43.75
C PHE C 80 -31.74 -8.46 -44.30
N LEU C 81 -30.85 -7.65 -43.72
CA LEU C 81 -30.69 -6.27 -44.17
C LEU C 81 -30.00 -6.13 -45.53
N PHE C 82 -29.12 -7.07 -45.87
CA PHE C 82 -28.27 -6.92 -47.04
C PHE C 82 -28.34 -8.11 -48.00
N PRO C 83 -29.51 -8.32 -48.60
CA PRO C 83 -29.69 -9.47 -49.48
C PRO C 83 -28.95 -9.37 -50.82
N ASP C 84 -28.45 -8.18 -51.19
CA ASP C 84 -27.76 -8.01 -52.46
C ASP C 84 -26.28 -7.69 -52.27
N ALA C 85 -25.76 -8.13 -51.13
CA ALA C 85 -24.35 -8.07 -50.88
C ALA C 85 -23.64 -8.91 -51.94
N ASP C 86 -22.42 -8.51 -52.28
CA ASP C 86 -21.64 -9.17 -53.32
C ASP C 86 -20.19 -9.06 -52.89
N TYR C 87 -19.73 -10.08 -52.18
CA TYR C 87 -18.42 -9.99 -51.59
C TYR C 87 -17.30 -9.89 -52.64
N PRO C 88 -17.35 -10.75 -53.67
CA PRO C 88 -16.29 -10.65 -54.67
C PRO C 88 -16.16 -9.25 -55.25
N ARG C 89 -17.28 -8.59 -55.55
CA ARG C 89 -17.23 -7.23 -56.10
C ARG C 89 -16.68 -6.25 -55.09
N PHE C 90 -17.08 -6.42 -53.84
CA PHE C 90 -16.49 -5.65 -52.76
C PHE C 90 -14.97 -5.83 -52.76
N ARG C 91 -14.53 -7.10 -52.76
CA ARG C 91 -13.11 -7.45 -52.81
C ARG C 91 -12.37 -6.76 -53.97
N ARG C 92 -12.86 -6.95 -55.17
CA ARG C 92 -12.34 -6.26 -56.36
C ARG C 92 -12.20 -4.76 -56.14
N THR C 93 -13.25 -4.12 -55.69
CA THR C 93 -13.23 -2.67 -55.52
C THR C 93 -12.17 -2.29 -54.50
N MET C 94 -12.11 -3.03 -53.40
CA MET C 94 -11.11 -2.83 -52.34
C MET C 94 -9.68 -2.94 -52.87
N LYS C 95 -9.43 -3.98 -53.64
CA LYS C 95 -8.11 -4.26 -54.15
C LYS C 95 -7.70 -3.15 -55.12
N ALA C 96 -8.67 -2.60 -55.85
CA ALA C 96 -8.41 -1.46 -56.74
C ALA C 96 -8.02 -0.18 -55.98
N ILE C 97 -8.63 0.08 -54.83
CA ILE C 97 -8.24 1.23 -54.00
C ILE C 97 -6.93 0.97 -53.24
N LYS C 98 -6.77 -0.24 -52.74
CA LYS C 98 -5.62 -0.61 -51.92
C LYS C 98 -4.97 -1.87 -52.47
N PRO C 99 -4.15 -1.72 -53.53
CA PRO C 99 -3.53 -2.83 -54.27
C PRO C 99 -2.63 -3.70 -53.42
N ASP C 100 -1.94 -3.07 -52.48
CA ASP C 100 -1.00 -3.76 -51.61
C ASP C 100 -1.69 -4.56 -50.49
N LEU C 101 -3.01 -4.73 -50.55
CA LEU C 101 -3.74 -5.46 -49.50
C LEU C 101 -3.54 -6.99 -49.58
N PRO C 102 -3.01 -7.60 -48.49
CA PRO C 102 -2.74 -9.06 -48.45
C PRO C 102 -3.94 -9.95 -48.77
N MET C 103 -3.66 -11.22 -49.11
CA MET C 103 -4.70 -12.18 -49.51
C MET C 103 -5.77 -12.37 -48.46
N GLY C 104 -7.02 -12.45 -48.91
CA GLY C 104 -8.13 -12.82 -48.05
C GLY C 104 -8.28 -11.92 -46.85
N GLN C 105 -7.59 -10.79 -46.86
CA GLN C 105 -7.66 -9.85 -45.74
C GLN C 105 -8.77 -8.83 -45.92
N ALA C 106 -9.44 -8.89 -47.06
CA ALA C 106 -10.51 -7.95 -47.38
C ALA C 106 -11.71 -8.04 -46.43
N THR C 107 -11.93 -9.20 -45.81
CA THR C 107 -13.00 -9.38 -44.83
C THR C 107 -12.77 -8.60 -43.53
N HIS C 108 -11.50 -8.29 -43.24
CA HIS C 108 -11.09 -7.70 -41.96
C HIS C 108 -10.50 -6.30 -42.10
N ALA C 109 -10.20 -5.88 -43.34
CA ALA C 109 -9.63 -4.56 -43.59
C ALA C 109 -10.42 -3.42 -42.93
N LEU C 110 -11.75 -3.48 -43.03
CA LEU C 110 -12.56 -2.44 -42.44
C LEU C 110 -12.63 -2.54 -40.93
N ARG C 111 -12.65 -3.74 -40.39
CA ARG C 111 -12.56 -3.92 -38.92
C ARG C 111 -11.25 -3.32 -38.39
N HIS C 112 -10.16 -3.57 -39.10
CA HIS C 112 -8.87 -3.05 -38.69
C HIS C 112 -8.82 -1.55 -38.81
N SER C 113 -9.56 -1.01 -39.77
CA SER C 113 -9.59 0.45 -39.95
C SER C 113 -10.36 1.11 -38.81
N PHE C 114 -11.51 0.56 -38.46
CA PHE C 114 -12.24 1.04 -37.30
C PHE C 114 -11.29 1.06 -36.07
N ALA C 115 -10.69 -0.08 -35.78
CA ALA C 115 -9.90 -0.24 -34.57
C ALA C 115 -8.71 0.69 -34.55
N THR C 116 -8.08 0.82 -35.70
CA THR C 116 -6.89 1.58 -35.80
C THR C 116 -7.19 3.05 -35.54
N HIS C 117 -8.22 3.60 -36.18
CA HIS C 117 -8.58 5.01 -35.99
C HIS C 117 -9.18 5.28 -34.64
N PHE C 118 -9.95 4.33 -34.13
CA PHE C 118 -10.42 4.42 -32.74
C PHE C 118 -9.22 4.71 -31.79
N MET C 119 -8.14 3.94 -31.92
CA MET C 119 -6.97 4.14 -31.05
C MET C 119 -6.20 5.42 -31.38
N ILE C 120 -6.00 5.68 -32.65
CA ILE C 120 -5.33 6.89 -33.01
C ILE C 120 -6.05 8.06 -32.37
N ASN C 121 -7.37 8.02 -32.35
CA ASN C 121 -8.19 9.13 -31.85
C ASN C 121 -8.35 9.18 -30.36
N GLY C 122 -7.61 8.38 -29.62
CA GLY C 122 -7.61 8.47 -28.16
C GLY C 122 -8.54 7.49 -27.44
N GLY C 123 -9.16 6.58 -28.18
CA GLY C 123 -10.07 5.59 -27.59
C GLY C 123 -9.36 4.70 -26.59
N SER C 124 -10.15 4.08 -25.71
CA SER C 124 -9.65 3.18 -24.71
C SER C 124 -9.46 1.79 -25.27
N ILE C 125 -8.28 1.21 -25.08
CA ILE C 125 -7.99 -0.14 -25.54
C ILE C 125 -8.98 -1.13 -24.92
N ILE C 126 -9.47 -0.84 -23.72
CA ILE C 126 -10.39 -1.75 -23.03
C ILE C 126 -11.78 -1.69 -23.63
N THR C 127 -12.25 -0.47 -23.88
CA THR C 127 -13.51 -0.30 -24.59
C THR C 127 -13.43 -0.94 -25.98
N LEU C 128 -12.31 -0.75 -26.66
CA LEU C 128 -12.12 -1.39 -27.97
C LEU C 128 -12.22 -2.91 -27.83
N GLN C 129 -11.56 -3.47 -26.84
CA GLN C 129 -11.65 -4.91 -26.63
C GLN C 129 -13.11 -5.34 -26.60
N ARG C 130 -13.93 -4.63 -25.85
CA ARG C 130 -15.33 -5.01 -25.70
C ARG C 130 -16.06 -4.89 -27.02
N ILE C 131 -15.84 -3.78 -27.73
CA ILE C 131 -16.52 -3.54 -29.00
C ILE C 131 -16.18 -4.61 -30.01
N LEU C 132 -14.90 -4.94 -30.12
CA LEU C 132 -14.46 -5.99 -31.03
C LEU C 132 -14.92 -7.38 -30.57
N GLY C 133 -15.20 -7.52 -29.28
CA GLY C 133 -15.63 -8.81 -28.74
C GLY C 133 -14.47 -9.76 -28.57
N HIS C 134 -13.30 -9.20 -28.32
CA HIS C 134 -12.12 -9.98 -28.03
C HIS C 134 -12.21 -10.52 -26.62
N THR C 135 -11.91 -11.81 -26.48
CA THR C 135 -12.02 -12.52 -25.22
C THR C 135 -10.88 -12.10 -24.30
N ARG C 136 -9.74 -11.71 -24.90
CA ARG C 136 -8.57 -11.32 -24.15
C ARG C 136 -7.94 -10.05 -24.68
N ILE C 137 -7.54 -9.19 -23.76
CA ILE C 137 -6.97 -7.89 -24.13
C ILE C 137 -5.76 -8.01 -25.08
N GLU C 138 -5.00 -9.09 -24.94
CA GLU C 138 -3.81 -9.33 -25.74
C GLU C 138 -4.14 -9.33 -27.21
N GLN C 139 -5.31 -9.87 -27.56
CA GLN C 139 -5.77 -9.80 -28.94
C GLN C 139 -5.87 -8.35 -29.44
N THR C 140 -6.43 -7.49 -28.61
CA THR C 140 -6.60 -6.09 -28.94
C THR C 140 -5.31 -5.26 -28.94
N MET C 141 -4.27 -5.75 -28.28
CA MET C 141 -3.01 -5.01 -28.19
C MET C 141 -2.26 -4.87 -29.53
N VAL C 142 -2.71 -5.59 -30.55
CA VAL C 142 -2.18 -5.35 -31.90
C VAL C 142 -2.36 -3.91 -32.31
N TYR C 143 -3.35 -3.22 -31.74
CA TYR C 143 -3.63 -1.82 -32.09
C TYR C 143 -3.02 -0.82 -31.12
N ALA C 144 -2.37 -1.32 -30.06
CA ALA C 144 -1.85 -0.46 -29.00
C ALA C 144 -0.85 0.61 -29.47
N HIS C 145 0.08 0.23 -30.36
CA HIS C 145 1.06 1.19 -30.83
C HIS C 145 0.48 2.39 -31.58
N PHE C 146 -0.79 2.31 -32.02
CA PHE C 146 -1.48 3.48 -32.60
C PHE C 146 -1.91 4.52 -31.59
N ALA C 147 -1.90 4.17 -30.31
CA ALA C 147 -2.36 5.08 -29.29
C ALA C 147 -1.30 6.12 -29.04
N PRO C 148 -1.73 7.36 -28.86
CA PRO C 148 -0.76 8.27 -28.32
C PRO C 148 -0.42 7.79 -26.91
N GLU C 149 0.76 8.09 -26.42
CA GLU C 149 1.10 7.73 -25.05
C GLU C 149 1.36 8.97 -24.24
N TYR C 150 0.89 8.94 -23.02
CA TYR C 150 1.09 10.07 -22.11
C TYR C 150 1.68 9.64 -20.74
N LEU C 151 3.01 9.50 -20.64
CA LEU C 151 3.61 9.20 -19.34
C LEU C 151 3.34 10.22 -18.26
N GLN C 152 3.13 11.47 -18.66
CA GLN C 152 2.90 12.50 -17.67
C GLN C 152 1.52 12.32 -17.02
N ASP C 153 0.69 11.41 -17.55
CA ASP C 153 -0.54 11.03 -16.83
C ASP C 153 -0.24 10.44 -15.48
N ALA C 154 0.96 9.95 -15.23
CA ALA C 154 1.30 9.47 -13.87
C ALA C 154 1.17 10.59 -12.89
N ILE C 155 1.29 11.81 -13.37
CA ILE C 155 1.25 12.95 -12.50
C ILE C 155 -0.20 13.39 -12.32
N SER C 156 -0.88 13.64 -13.41
CA SER C 156 -2.17 14.33 -13.38
C SER C 156 -3.30 13.38 -13.05
N LEU C 157 -3.14 12.08 -13.26
CA LEU C 157 -4.18 11.11 -12.90
C LEU C 157 -3.95 10.44 -11.55
N ASN C 158 -2.86 10.75 -10.86
CA ASN C 158 -2.66 10.08 -9.57
C ASN C 158 -3.65 10.67 -8.57
N PRO C 159 -3.79 10.04 -7.39
CA PRO C 159 -4.83 10.51 -6.50
C PRO C 159 -4.56 11.81 -5.81
N LEU C 160 -3.34 12.30 -5.86
CA LEU C 160 -3.06 13.66 -5.42
C LEU C 160 -3.13 14.69 -6.57
N ARG C 161 -3.55 14.27 -7.75
CA ARG C 161 -3.58 15.15 -8.93
C ARG C 161 -2.24 15.84 -9.22
N GLY C 162 -1.13 15.18 -8.96
CA GLY C 162 0.17 15.73 -9.23
C GLY C 162 0.63 16.70 -8.18
N GLY C 163 -0.11 16.84 -7.08
CA GLY C 163 0.32 17.67 -5.98
C GLY C 163 0.97 16.86 -4.87
N THR C 164 1.01 17.47 -3.69
CA THR C 164 1.53 16.82 -2.48
C THR C 164 0.42 16.70 -1.43
N GLU C 165 -0.77 17.12 -1.83
CA GLU C 165 -1.87 17.59 -1.02
C GLU C 165 -1.45 18.39 0.21
N GLY D 2 -7.06 -4.39 -1.86
CA GLY D 2 -7.59 -3.15 -1.23
C GLY D 2 -6.75 -1.91 -1.52
N TYR D 3 -7.42 -0.75 -1.44
CA TYR D 3 -6.84 0.53 -1.72
C TYR D 3 -7.48 1.62 -0.86
N LEU D 4 -6.89 2.80 -0.84
CA LEU D 4 -7.40 3.89 -0.01
C LEU D 4 -8.28 4.82 -0.80
N THR D 5 -9.43 5.19 -0.23
CA THR D 5 -10.28 6.23 -0.81
C THR D 5 -9.58 7.59 -0.72
N GLN D 6 -10.15 8.56 -1.40
CA GLN D 6 -9.62 9.92 -1.33
C GLN D 6 -9.55 10.40 0.12
N GLU D 7 -10.63 10.20 0.85
CA GLU D 7 -10.74 10.66 2.26
C GLU D 7 -9.76 9.88 3.16
N GLU D 8 -9.52 8.61 2.85
CA GLU D 8 -8.53 7.87 3.61
C GLU D 8 -7.14 8.42 3.37
N ILE D 9 -6.87 8.74 2.12
CA ILE D 9 -5.60 9.33 1.78
C ILE D 9 -5.40 10.61 2.61
N ALA D 10 -6.40 11.48 2.62
CA ALA D 10 -6.32 12.74 3.35
C ALA D 10 -5.96 12.52 4.80
N LEU D 11 -6.64 11.58 5.45
CA LEU D 11 -6.38 11.32 6.86
C LEU D 11 -4.96 10.78 7.07
N LEU D 12 -4.56 9.89 6.17
CA LEU D 12 -3.29 9.23 6.25
C LEU D 12 -2.18 10.24 6.22
N LEU D 13 -2.24 11.14 5.25
CA LEU D 13 -1.23 12.17 5.13
C LEU D 13 -1.21 13.13 6.30
N ALA D 14 -2.39 13.45 6.82
CA ALA D 14 -2.47 14.34 7.99
C ALA D 14 -1.81 13.71 9.19
N ALA D 15 -1.91 12.38 9.30
CA ALA D 15 -1.44 11.65 10.47
C ALA D 15 0.02 11.28 10.42
N LEU D 16 0.63 11.21 9.24
CA LEU D 16 2.05 10.88 9.12
C LEU D 16 2.87 12.14 9.21
N ASP D 17 4.18 11.97 9.45
CA ASP D 17 5.12 13.10 9.39
C ASP D 17 6.48 12.64 8.90
N GLY D 18 7.39 13.59 8.76
CA GLY D 18 8.76 13.31 8.38
C GLY D 18 8.89 12.49 7.13
N ASP D 19 9.84 11.59 7.12
CA ASP D 19 10.13 10.84 5.92
C ASP D 19 9.00 9.90 5.51
N ASN D 20 8.29 9.36 6.49
CA ASN D 20 7.15 8.47 6.20
C ASN D 20 6.11 9.19 5.30
N LYS D 21 5.85 10.45 5.63
CA LYS D 21 4.89 11.25 4.89
C LYS D 21 5.38 11.41 3.49
N LYS D 22 6.64 11.78 3.36
CA LYS D 22 7.20 12.00 2.03
C LYS D 22 7.13 10.72 1.21
N ILE D 23 7.39 9.60 1.84
CA ILE D 23 7.41 8.34 1.10
C ILE D 23 6.02 8.01 0.62
N ALA D 24 5.04 8.26 1.50
CA ALA D 24 3.65 8.03 1.19
C ALA D 24 3.26 8.85 -0.05
N ILE D 25 3.65 10.12 -0.03
CA ILE D 25 3.35 10.98 -1.12
C ILE D 25 3.97 10.43 -2.40
N LEU D 26 5.20 9.97 -2.27
CA LEU D 26 5.89 9.42 -3.43
C LEU D 26 5.15 8.20 -3.98
N CYS D 27 4.72 7.31 -3.08
CA CYS D 27 4.10 6.05 -3.52
C CYS D 27 2.73 6.32 -4.17
N LEU D 28 1.97 7.23 -3.58
CA LEU D 28 0.72 7.67 -4.16
C LEU D 28 0.89 8.39 -5.51
N SER D 29 2.06 8.98 -5.74
CA SER D 29 2.36 9.68 -6.97
C SER D 29 2.88 8.76 -8.07
N THR D 30 3.42 7.60 -7.70
CA THR D 30 4.16 6.78 -8.66
C THR D 30 3.84 5.28 -8.68
N GLY D 31 3.09 4.80 -7.71
CA GLY D 31 2.80 3.37 -7.65
C GLY D 31 3.98 2.55 -7.13
N ALA D 32 4.91 3.22 -6.47
CA ALA D 32 6.02 2.56 -5.78
C ALA D 32 5.56 1.67 -4.65
N ARG D 33 6.23 0.51 -4.51
CA ARG D 33 6.14 -0.32 -3.31
C ARG D 33 6.83 0.46 -2.22
N TRP D 34 6.45 0.24 -0.96
CA TRP D 34 7.11 0.95 0.16
C TRP D 34 8.62 0.82 0.06
N GLY D 35 9.11 -0.41 -0.09
CA GLY D 35 10.53 -0.69 -0.04
C GLY D 35 11.30 0.13 -1.06
N GLU D 36 10.91 0.01 -2.31
CA GLU D 36 11.67 0.66 -3.39
C GLU D 36 11.65 2.18 -3.23
N ALA D 37 10.55 2.73 -2.71
CA ALA D 37 10.49 4.16 -2.39
C ALA D 37 11.38 4.55 -1.18
N ALA D 38 11.36 3.74 -0.12
CA ALA D 38 12.10 4.07 1.07
C ALA D 38 13.62 4.03 0.86
N ARG D 39 14.09 3.16 -0.03
CA ARG D 39 15.51 2.98 -0.28
C ARG D 39 16.06 3.90 -1.36
N LEU D 40 15.29 4.93 -1.66
CA LEU D 40 15.59 5.76 -2.81
C LEU D 40 16.70 6.73 -2.50
N LYS D 41 17.57 6.93 -3.49
CA LYS D 41 18.68 7.87 -3.40
C LYS D 41 18.47 9.09 -4.30
N ALA D 42 19.13 10.20 -3.94
CA ALA D 42 19.11 11.46 -4.71
C ALA D 42 19.39 11.24 -6.19
N GLU D 43 20.34 10.35 -6.48
CA GLU D 43 20.79 10.07 -7.85
C GLU D 43 19.73 9.40 -8.70
N ASN D 44 18.72 8.81 -8.07
CA ASN D 44 17.63 8.18 -8.80
C ASN D 44 16.54 9.17 -9.25
N ILE D 45 16.79 10.48 -9.08
CA ILE D 45 15.85 11.50 -9.52
C ILE D 45 16.52 12.52 -10.44
N ILE D 46 16.27 12.39 -11.74
CA ILE D 46 16.84 13.21 -12.77
C ILE D 46 15.68 13.93 -13.47
N HIS D 47 15.76 15.24 -13.61
CA HIS D 47 14.75 16.02 -14.33
C HIS D 47 13.32 15.58 -13.99
N ASN D 48 12.99 15.54 -12.70
CA ASN D 48 11.63 15.21 -12.25
C ASN D 48 11.16 13.83 -12.74
N ARG D 49 12.11 12.90 -12.79
CA ARG D 49 11.83 11.53 -13.20
C ARG D 49 12.51 10.60 -12.21
N VAL D 50 11.70 9.78 -11.57
CA VAL D 50 12.21 8.83 -10.60
C VAL D 50 12.52 7.49 -11.26
N THR D 51 13.68 6.94 -10.95
CA THR D 51 14.06 5.62 -11.47
C THR D 51 14.15 4.61 -10.34
N PHE D 52 13.33 3.56 -10.42
CA PHE D 52 13.38 2.42 -9.49
C PHE D 52 14.13 1.26 -10.11
N VAL D 53 15.11 0.69 -9.42
CA VAL D 53 15.70 -0.53 -10.00
C VAL D 53 15.12 -1.87 -9.50
N PRO D 60 13.89 -2.74 -14.04
CA PRO D 60 13.93 -1.29 -13.77
C PRO D 60 12.85 -0.55 -14.54
N ARG D 61 12.49 0.64 -14.05
CA ARG D 61 11.45 1.47 -14.65
C ARG D 61 11.48 2.90 -14.13
N THR D 62 10.92 3.83 -14.90
CA THR D 62 11.05 5.26 -14.61
C THR D 62 9.69 5.91 -14.65
N VAL D 63 9.42 6.78 -13.69
CA VAL D 63 8.13 7.40 -13.53
C VAL D 63 8.25 8.88 -13.24
N PRO D 64 7.48 9.73 -13.95
CA PRO D 64 7.65 11.16 -13.79
C PRO D 64 6.91 11.67 -12.58
N ILE D 65 7.43 12.73 -11.95
CA ILE D 65 6.76 13.39 -10.86
C ILE D 65 6.70 14.89 -11.09
N SER D 66 5.74 15.55 -10.45
CA SER D 66 5.65 17.00 -10.56
C SER D 66 6.85 17.65 -9.87
N GLU D 67 7.15 18.86 -10.30
CA GLU D 67 8.10 19.72 -9.64
C GLU D 67 7.85 19.68 -8.13
N ALA D 68 6.61 19.95 -7.72
CA ALA D 68 6.25 20.06 -6.31
C ALA D 68 6.71 18.85 -5.52
N VAL D 69 6.46 17.66 -6.06
CA VAL D 69 6.84 16.46 -5.38
C VAL D 69 8.34 16.30 -5.30
N ALA D 70 9.03 16.52 -6.42
CA ALA D 70 10.48 16.44 -6.45
C ALA D 70 11.11 17.42 -5.46
N LYS D 71 10.54 18.61 -5.38
CA LYS D 71 11.03 19.70 -4.53
C LYS D 71 10.98 19.21 -3.09
N MET D 72 9.84 18.63 -2.75
CA MET D 72 9.58 18.22 -1.40
C MET D 72 10.42 17.01 -0.98
N ILE D 73 10.66 16.07 -1.89
CA ILE D 73 11.38 14.86 -1.50
C ILE D 73 12.88 14.95 -1.69
N ALA D 74 13.37 15.93 -2.45
CA ALA D 74 14.85 16.18 -2.53
C ALA D 74 15.25 17.38 -1.68
N ASP D 75 16.38 17.28 -0.96
CA ASP D 75 16.92 18.34 -0.06
C ASP D 75 18.15 17.85 0.79
N GLY D 79 22.74 11.32 -1.10
CA GLY D 79 22.60 9.96 -0.52
C GLY D 79 21.15 9.42 -0.51
N PHE D 80 20.80 8.62 0.51
CA PHE D 80 19.43 8.11 0.66
C PHE D 80 18.51 9.27 0.99
N LEU D 81 17.36 9.35 0.32
CA LEU D 81 16.43 10.45 0.54
C LEU D 81 15.67 10.34 1.86
N PHE D 82 15.45 9.11 2.35
CA PHE D 82 14.59 8.90 3.53
C PHE D 82 15.23 8.11 4.66
N PRO D 83 16.26 8.67 5.28
CA PRO D 83 16.99 8.00 6.33
C PRO D 83 16.24 7.89 7.66
N ASP D 84 15.12 8.61 7.82
CA ASP D 84 14.31 8.52 9.05
C ASP D 84 12.95 7.93 8.81
N ALA D 85 12.88 7.12 7.78
CA ALA D 85 11.71 6.29 7.53
C ALA D 85 11.54 5.40 8.75
N ASP D 86 10.29 5.02 9.03
CA ASP D 86 9.96 4.14 10.15
C ASP D 86 8.78 3.31 9.73
N TYR D 87 9.05 2.15 9.17
CA TYR D 87 8.00 1.35 8.57
C TYR D 87 6.96 0.96 9.61
N PRO D 88 7.43 0.46 10.76
CA PRO D 88 6.40 0.07 11.71
C PRO D 88 5.42 1.19 12.04
N ARG D 89 5.90 2.42 12.24
CA ARG D 89 5.03 3.53 12.60
C ARG D 89 4.10 3.82 11.44
N PHE D 90 4.62 3.73 10.24
CA PHE D 90 3.78 3.85 9.05
C PHE D 90 2.65 2.82 9.10
N ARG D 91 3.01 1.55 9.29
CA ARG D 91 2.07 0.43 9.38
C ARG D 91 0.96 0.70 10.41
N ARG D 92 1.37 1.02 11.62
CA ARG D 92 0.48 1.45 12.70
C ARG D 92 -0.52 2.52 12.21
N THR D 93 0.00 3.59 11.66
CA THR D 93 -0.84 4.71 11.29
C THR D 93 -1.84 4.30 10.22
N MET D 94 -1.36 3.50 9.26
CA MET D 94 -2.19 2.99 8.20
C MET D 94 -3.37 2.17 8.73
N LYS D 95 -3.05 1.30 9.65
CA LYS D 95 -4.04 0.39 10.19
C LYS D 95 -5.08 1.21 10.94
N ALA D 96 -4.65 2.29 11.57
CA ALA D 96 -5.56 3.18 12.27
C ALA D 96 -6.55 3.90 11.33
N ILE D 97 -6.10 4.28 10.15
CA ILE D 97 -7.00 4.88 9.13
C ILE D 97 -7.88 3.86 8.40
N LYS D 98 -7.31 2.71 8.09
CA LYS D 98 -7.98 1.67 7.36
C LYS D 98 -7.86 0.36 8.14
N PRO D 99 -8.72 0.20 9.19
CA PRO D 99 -8.70 -0.97 10.11
C PRO D 99 -8.89 -2.32 9.43
N ASP D 100 -9.72 -2.33 8.40
CA ASP D 100 -10.00 -3.55 7.66
C ASP D 100 -8.85 -3.96 6.69
N LEU D 101 -7.70 -3.32 6.75
CA LEU D 101 -6.58 -3.66 5.85
C LEU D 101 -5.91 -4.99 6.25
N PRO D 102 -5.88 -5.97 5.32
CA PRO D 102 -5.25 -7.28 5.57
C PRO D 102 -3.79 -7.19 6.05
N MET D 103 -3.31 -8.27 6.68
CA MET D 103 -1.99 -8.28 7.32
C MET D 103 -0.88 -8.09 6.29
N GLY D 104 0.13 -7.31 6.68
CA GLY D 104 1.34 -7.13 5.88
C GLY D 104 1.10 -6.58 4.48
N GLN D 105 -0.10 -6.06 4.25
CA GLN D 105 -0.48 -5.50 2.94
C GLN D 105 -0.19 -4.01 2.87
N ALA D 106 0.29 -3.48 3.98
CA ALA D 106 0.63 -2.09 4.13
C ALA D 106 1.74 -1.61 3.19
N THR D 107 2.64 -2.50 2.77
CA THR D 107 3.70 -2.18 1.80
C THR D 107 3.18 -1.90 0.40
N HIS D 108 1.99 -2.39 0.07
CA HIS D 108 1.42 -2.30 -1.29
C HIS D 108 0.14 -1.46 -1.37
N ALA D 109 -0.46 -1.15 -0.22
CA ALA D 109 -1.72 -0.40 -0.19
C ALA D 109 -1.66 0.89 -1.00
N LEU D 110 -0.57 1.63 -0.89
CA LEU D 110 -0.43 2.86 -1.62
C LEU D 110 -0.18 2.63 -3.11
N ARG D 111 0.59 1.61 -3.47
CA ARG D 111 0.75 1.26 -4.87
C ARG D 111 -0.61 0.92 -5.49
N HIS D 112 -1.43 0.16 -4.76
CA HIS D 112 -2.76 -0.19 -5.27
C HIS D 112 -3.66 1.02 -5.36
N SER D 113 -3.45 1.99 -4.47
CA SER D 113 -4.25 3.22 -4.50
C SER D 113 -3.90 4.06 -5.73
N PHE D 114 -2.61 4.20 -6.01
CA PHE D 114 -2.17 4.88 -7.21
C PHE D 114 -2.83 4.26 -8.42
N ALA D 115 -2.65 2.96 -8.57
CA ALA D 115 -3.16 2.25 -9.74
C ALA D 115 -4.67 2.36 -9.88
N THR D 116 -5.34 2.22 -8.76
CA THR D 116 -6.76 2.20 -8.75
C THR D 116 -7.34 3.56 -9.16
N HIS D 117 -6.86 4.64 -8.58
CA HIS D 117 -7.31 5.97 -8.94
C HIS D 117 -6.86 6.33 -10.34
N PHE D 118 -5.68 5.89 -10.74
CA PHE D 118 -5.20 6.16 -12.10
C PHE D 118 -6.25 5.69 -13.07
N MET D 119 -6.75 4.49 -12.86
CA MET D 119 -7.76 3.95 -13.76
C MET D 119 -9.11 4.64 -13.57
N ILE D 120 -9.51 4.87 -12.33
CA ILE D 120 -10.77 5.58 -12.10
C ILE D 120 -10.76 6.92 -12.83
N ASN D 121 -9.61 7.59 -12.82
CA ASN D 121 -9.48 8.90 -13.42
C ASN D 121 -9.28 8.92 -14.94
N GLY D 122 -9.37 7.77 -15.62
CA GLY D 122 -9.28 7.72 -17.09
C GLY D 122 -8.01 7.22 -17.70
N GLY D 123 -7.05 6.83 -16.87
CA GLY D 123 -5.74 6.43 -17.35
C GLY D 123 -5.82 5.22 -18.25
N SER D 124 -4.79 5.05 -19.06
CA SER D 124 -4.70 3.94 -19.98
C SER D 124 -4.08 2.77 -19.26
N ILE D 125 -4.72 1.62 -19.38
CA ILE D 125 -4.20 0.40 -18.75
C ILE D 125 -2.77 0.07 -19.24
N ILE D 126 -2.43 0.49 -20.45
CA ILE D 126 -1.12 0.16 -21.02
C ILE D 126 -0.06 1.02 -20.44
N THR D 127 -0.37 2.31 -20.31
CA THR D 127 0.52 3.21 -19.63
C THR D 127 0.72 2.75 -18.18
N LEU D 128 -0.38 2.38 -17.51
CA LEU D 128 -0.27 1.88 -16.14
C LEU D 128 0.68 0.66 -16.09
N GLN D 129 0.54 -0.27 -17.01
CA GLN D 129 1.39 -1.41 -17.05
C GLN D 129 2.86 -0.98 -17.01
N ARG D 130 3.21 -0.01 -17.84
CA ARG D 130 4.59 0.43 -17.91
C ARG D 130 5.01 1.06 -16.59
N ILE D 131 4.17 1.93 -16.04
CA ILE D 131 4.48 2.64 -14.81
C ILE D 131 4.74 1.67 -13.67
N LEU D 132 3.87 0.68 -13.54
CA LEU D 132 4.00 -0.31 -12.50
C LEU D 132 5.18 -1.24 -12.75
N GLY D 133 5.60 -1.34 -14.01
CA GLY D 133 6.69 -2.21 -14.35
C GLY D 133 6.26 -3.64 -14.41
N HIS D 134 5.01 -3.86 -14.76
CA HIS D 134 4.50 -5.21 -14.99
C HIS D 134 5.01 -5.74 -16.31
N THR D 135 5.44 -7.00 -16.31
CA THR D 135 5.94 -7.65 -17.53
C THR D 135 4.82 -7.97 -18.49
N ARG D 136 3.63 -8.25 -17.95
CA ARG D 136 2.51 -8.66 -18.76
C ARG D 136 1.25 -7.90 -18.39
N ILE D 137 0.52 -7.49 -19.42
CA ILE D 137 -0.70 -6.69 -19.25
C ILE D 137 -1.72 -7.36 -18.33
N GLU D 138 -1.75 -8.69 -18.34
CA GLU D 138 -2.69 -9.46 -17.53
C GLU D 138 -2.52 -9.16 -16.06
N GLN D 139 -1.28 -8.95 -15.62
CA GLN D 139 -1.04 -8.51 -14.25
C GLN D 139 -1.81 -7.22 -13.95
N THR D 140 -1.75 -6.26 -14.87
CA THR D 140 -2.35 -4.95 -14.69
C THR D 140 -3.88 -4.95 -14.81
N MET D 141 -4.45 -5.98 -15.43
CA MET D 141 -5.90 -6.04 -15.63
C MET D 141 -6.70 -6.20 -14.33
N VAL D 142 -6.02 -6.47 -13.23
CA VAL D 142 -6.70 -6.43 -11.93
C VAL D 142 -7.38 -5.10 -11.71
N TYR D 143 -6.86 -4.04 -12.32
CA TYR D 143 -7.39 -2.70 -12.10
C TYR D 143 -8.33 -2.26 -13.20
N ALA D 144 -8.55 -3.12 -14.20
CA ALA D 144 -9.36 -2.78 -15.36
C ALA D 144 -10.78 -2.34 -15.02
N HIS D 145 -11.43 -3.07 -14.12
CA HIS D 145 -12.84 -2.80 -13.84
C HIS D 145 -13.06 -1.44 -13.23
N PHE D 146 -12.02 -0.80 -12.71
CA PHE D 146 -12.19 0.56 -12.24
C PHE D 146 -12.40 1.59 -13.36
N ALA D 147 -12.14 1.22 -14.62
CA ALA D 147 -12.13 2.23 -15.69
C ALA D 147 -13.55 2.60 -16.02
N PRO D 148 -13.82 3.91 -16.21
CA PRO D 148 -15.09 4.23 -16.77
C PRO D 148 -15.14 3.81 -18.22
N GLU D 149 -16.34 3.93 -18.77
CA GLU D 149 -16.57 3.54 -20.12
C GLU D 149 -17.52 4.48 -20.84
N TYR D 150 -17.18 4.71 -22.10
CA TYR D 150 -17.96 5.54 -23.01
C TYR D 150 -18.21 4.70 -24.26
N LEU D 151 -19.26 3.88 -24.24
CA LEU D 151 -19.58 3.01 -25.38
C LEU D 151 -19.90 3.87 -26.59
N GLN D 152 -20.39 5.09 -26.35
CA GLN D 152 -20.76 5.93 -27.48
C GLN D 152 -19.51 6.40 -28.22
N ASP D 153 -18.32 6.17 -27.67
CA ASP D 153 -17.11 6.42 -28.46
C ASP D 153 -17.05 5.57 -29.72
N ALA D 154 -17.82 4.49 -29.78
CA ALA D 154 -17.87 3.70 -31.02
C ALA D 154 -18.38 4.50 -32.16
N ILE D 155 -19.20 5.50 -31.84
CA ILE D 155 -19.77 6.36 -32.82
C ILE D 155 -18.81 7.50 -33.17
N SER D 156 -18.36 8.25 -32.17
CA SER D 156 -17.63 9.47 -32.45
C SER D 156 -16.15 9.25 -32.80
N LEU D 157 -15.57 8.12 -32.42
CA LEU D 157 -14.18 7.83 -32.76
C LEU D 157 -14.02 6.99 -33.99
N ASN D 158 -15.14 6.54 -34.61
CA ASN D 158 -14.98 5.72 -35.80
C ASN D 158 -14.48 6.57 -36.95
N PRO D 159 -13.98 5.95 -38.02
CA PRO D 159 -13.42 6.77 -39.10
C PRO D 159 -14.41 7.58 -39.91
N LEU D 160 -15.71 7.34 -39.76
CA LEU D 160 -16.72 8.21 -40.33
C LEU D 160 -17.21 9.28 -39.36
N ARG D 161 -16.56 9.34 -38.19
CA ARG D 161 -16.97 10.27 -37.15
C ARG D 161 -18.46 10.12 -36.80
N GLY D 162 -19.00 8.92 -36.86
CA GLY D 162 -20.40 8.69 -36.51
C GLY D 162 -21.38 8.99 -37.61
N GLY D 163 -20.88 9.38 -38.78
CA GLY D 163 -21.73 9.67 -39.93
C GLY D 163 -21.80 8.52 -40.91
N THR D 164 -22.15 8.84 -42.13
CA THR D 164 -22.30 7.84 -43.18
C THR D 164 -21.32 8.13 -44.29
N GLU D 165 -20.45 9.13 -44.09
CA GLU D 165 -19.54 9.55 -45.14
C GLU D 165 -18.14 9.85 -44.64
N ALA D 166 -17.16 9.60 -45.50
CA ALA D 166 -15.76 9.88 -45.27
C ALA D 166 -15.42 11.33 -45.57
N GLU D 167 -14.19 11.72 -45.22
CA GLU D 167 -13.78 13.12 -45.26
C GLU D 167 -12.29 13.24 -45.47
P PO4 E . -2.66 1.70 36.16
O1 PO4 E . -3.87 2.58 36.40
O2 PO4 E . -1.46 2.60 36.37
O3 PO4 E . -2.64 0.55 37.15
O4 PO4 E . -2.62 1.11 34.75
ZN ZN F . -5.91 0.99 37.51
#